data_9G94
#
_entry.id   9G94
#
_cell.length_a   41.426
_cell.length_b   41.930
_cell.length_c   157.431
_cell.angle_alpha   90.00
_cell.angle_beta   90.00
_cell.angle_gamma   90.00
#
_symmetry.space_group_name_H-M   'P 21 21 21'
#
loop_
_entity.id
_entity.type
_entity.pdbx_description
1 polymer 'Hepatoma-derived growth factor-related protein 2'
2 non-polymer 4-(4-bromanyl-1~{H}-pyrazol-3-yl)pyridine
3 non-polymer 'SULFATE ION'
4 water water
#
_entity_poly.entity_id   1
_entity_poly.type   'polypeptide(L)'
_entity_poly.pdbx_seq_one_letter_code
;GMPHAFKPGDLVFAKMKGYPHWPARIDDIADGAVKPPPNKYPIFFFGTHETAFLGPKDLFPYDKCKDKYGKPNKRKGFNE
GLWEIQNNPHASYS
;
_entity_poly.pdbx_strand_id   A,B,C
#
# COMPACT_ATOMS: atom_id res chain seq x y z
N MET A 2 7.69 -18.86 -18.49
CA MET A 2 7.91 -17.93 -19.59
C MET A 2 7.06 -16.67 -19.36
N PRO A 3 7.67 -15.50 -19.58
CA PRO A 3 7.04 -14.25 -19.13
C PRO A 3 5.70 -13.97 -19.79
N HIS A 4 4.76 -13.50 -18.97
CA HIS A 4 3.51 -12.96 -19.42
C HIS A 4 3.58 -11.44 -19.43
N ALA A 5 2.49 -10.80 -19.82
CA ALA A 5 2.41 -9.35 -19.66
C ALA A 5 2.32 -9.00 -18.18
N PHE A 6 2.60 -7.75 -17.86
CA PHE A 6 2.50 -7.30 -16.49
C PHE A 6 1.04 -7.28 -16.03
N LYS A 7 0.82 -7.62 -14.77
CA LYS A 7 -0.51 -7.68 -14.20
C LYS A 7 -0.48 -7.06 -12.82
N PRO A 8 -1.61 -6.58 -12.33
CA PRO A 8 -1.67 -6.02 -10.96
C PRO A 8 -1.13 -7.03 -9.95
N GLY A 9 -0.28 -6.54 -9.05
CA GLY A 9 0.35 -7.36 -8.04
C GLY A 9 1.78 -7.74 -8.35
N ASP A 10 2.20 -7.66 -9.62
CA ASP A 10 3.58 -7.94 -9.96
C ASP A 10 4.51 -6.98 -9.24
N LEU A 11 5.61 -7.52 -8.72
CA LEU A 11 6.59 -6.72 -8.00
C LEU A 11 7.76 -6.40 -8.91
N VAL A 12 8.20 -5.15 -8.88
CA VAL A 12 9.18 -4.64 -9.82
C VAL A 12 10.14 -3.70 -9.12
N PHE A 13 11.25 -3.42 -9.78
CA PHE A 13 11.96 -2.16 -9.63
C PHE A 13 11.54 -1.28 -10.79
N ALA A 14 11.13 -0.05 -10.49
CA ALA A 14 10.66 0.88 -11.50
C ALA A 14 11.63 2.04 -11.63
N LYS A 15 12.00 2.38 -12.86
CA LYS A 15 13.00 3.40 -13.10
C LYS A 15 12.33 4.70 -13.49
N MET A 16 12.66 5.77 -12.75
CA MET A 16 12.22 7.12 -13.04
C MET A 16 13.45 8.01 -13.21
N LYS A 17 13.34 8.99 -14.10
CA LYS A 17 14.45 9.91 -14.33
C LYS A 17 14.86 10.56 -13.02
N GLY A 18 16.17 10.57 -12.74
CA GLY A 18 16.70 11.18 -11.54
C GLY A 18 16.58 10.35 -10.28
N TYR A 19 16.02 9.14 -10.37
CA TYR A 19 15.91 8.25 -9.22
C TYR A 19 16.57 6.91 -9.54
N PRO A 20 17.12 6.24 -8.53
CA PRO A 20 17.56 4.86 -8.73
C PRO A 20 16.35 3.96 -8.97
N HIS A 21 16.61 2.79 -9.56
CA HIS A 21 15.57 1.78 -9.71
C HIS A 21 14.94 1.51 -8.36
N TRP A 22 13.62 1.65 -8.30
CA TRP A 22 12.90 1.81 -7.05
C TRP A 22 11.94 0.65 -6.81
N PRO A 23 11.92 0.07 -5.61
CA PRO A 23 10.97 -1.02 -5.33
C PRO A 23 9.55 -0.55 -5.52
N ALA A 24 8.77 -1.31 -6.27
CA ALA A 24 7.42 -0.87 -6.63
C ALA A 24 6.56 -2.08 -6.94
N ARG A 25 5.27 -1.83 -7.17
CA ARG A 25 4.35 -2.86 -7.60
C ARG A 25 3.44 -2.31 -8.68
N ILE A 26 2.94 -3.20 -9.53
CA ILE A 26 1.85 -2.87 -10.44
C ILE A 26 0.58 -2.77 -9.62
N ASP A 27 -0.04 -1.59 -9.61
CA ASP A 27 -1.22 -1.41 -8.78
C ASP A 27 -2.46 -1.92 -9.49
N ASP A 28 -3.48 -2.21 -8.69
CA ASP A 28 -4.83 -2.31 -9.23
C ASP A 28 -5.38 -0.91 -9.43
N ILE A 29 -6.41 -0.82 -10.27
CA ILE A 29 -7.15 0.42 -10.46
C ILE A 29 -8.49 0.25 -9.76
N ALA A 30 -8.73 1.05 -8.73
CA ALA A 30 -9.98 0.96 -7.98
C ALA A 30 -11.14 1.42 -8.86
N ASP A 31 -12.33 0.89 -8.54
CA ASP A 31 -13.54 1.38 -9.18
C ASP A 31 -13.64 2.89 -9.03
N GLY A 32 -13.96 3.58 -10.13
CA GLY A 32 -14.08 5.01 -10.13
C GLY A 32 -12.78 5.78 -10.02
N ALA A 33 -11.64 5.10 -9.97
CA ALA A 33 -10.36 5.78 -9.89
C ALA A 33 -9.83 6.13 -11.28
N VAL A 34 -8.89 7.07 -11.31
CA VAL A 34 -8.30 7.51 -12.57
C VAL A 34 -7.51 6.37 -13.19
N LYS A 35 -7.78 6.10 -14.51
CA LYS A 35 -7.11 5.05 -15.26
C LYS A 35 -5.82 5.58 -15.88
N PRO A 36 -4.84 4.70 -16.11
CA PRO A 36 -3.59 5.14 -16.75
C PRO A 36 -3.79 5.38 -18.23
N PRO A 37 -2.87 6.10 -18.88
CA PRO A 37 -2.91 6.21 -20.34
C PRO A 37 -2.74 4.84 -20.98
N PRO A 38 -3.09 4.70 -22.26
CA PRO A 38 -2.87 3.42 -22.94
C PRO A 38 -1.41 3.01 -22.90
N ASN A 39 -1.19 1.70 -22.80
CA ASN A 39 0.13 1.08 -22.74
C ASN A 39 0.93 1.49 -21.52
N LYS A 40 0.29 2.09 -20.52
CA LYS A 40 0.96 2.42 -19.27
C LYS A 40 0.29 1.69 -18.11
N TYR A 41 1.05 1.49 -17.05
CA TYR A 41 0.62 0.81 -15.84
C TYR A 41 0.67 1.75 -14.65
N PRO A 42 -0.26 1.62 -13.70
CA PRO A 42 -0.18 2.40 -12.47
C PRO A 42 0.86 1.77 -11.57
N ILE A 43 1.94 2.50 -11.28
CA ILE A 43 3.06 1.98 -10.50
C ILE A 43 2.98 2.60 -9.12
N PHE A 44 2.88 1.76 -8.09
CA PHE A 44 2.91 2.22 -6.71
C PHE A 44 4.32 2.02 -6.19
N PHE A 45 4.95 3.11 -5.73
CA PHE A 45 6.32 3.07 -5.28
C PHE A 45 6.33 2.84 -3.77
N PHE A 46 6.97 1.75 -3.34
CA PHE A 46 7.07 1.49 -1.91
C PHE A 46 7.92 2.56 -1.22
N GLY A 47 7.64 2.76 0.06
CA GLY A 47 8.36 3.77 0.83
C GLY A 47 7.76 5.15 0.69
N THR A 48 7.84 5.74 -0.50
CA THR A 48 7.22 7.04 -0.72
C THR A 48 5.71 6.95 -0.88
N HIS A 49 5.19 5.78 -1.28
CA HIS A 49 3.77 5.54 -1.48
C HIS A 49 3.18 6.46 -2.55
N GLU A 50 4.02 6.97 -3.45
CA GLU A 50 3.57 7.75 -4.59
C GLU A 50 3.25 6.82 -5.76
N THR A 51 2.46 7.33 -6.70
CA THR A 51 2.09 6.58 -7.89
C THR A 51 2.55 7.33 -9.12
N ALA A 52 3.04 6.58 -10.11
CA ALA A 52 3.32 7.12 -11.43
C ALA A 52 2.86 6.13 -12.49
N PHE A 53 2.65 6.64 -13.69
CA PHE A 53 2.25 5.83 -14.83
C PHE A 53 3.47 5.52 -15.68
N LEU A 54 3.77 4.23 -15.88
CA LEU A 54 5.00 3.85 -16.56
C LEU A 54 4.71 2.74 -17.55
N GLY A 55 5.54 2.68 -18.60
CA GLY A 55 5.51 1.59 -19.55
C GLY A 55 6.53 0.53 -19.18
N PRO A 56 6.43 -0.65 -19.81
CA PRO A 56 7.31 -1.76 -19.43
C PRO A 56 8.79 -1.47 -19.59
N LYS A 57 9.18 -0.50 -20.42
CA LYS A 57 10.62 -0.22 -20.57
C LYS A 57 11.25 0.20 -19.25
N ASP A 58 10.46 0.68 -18.30
CA ASP A 58 10.96 1.14 -17.02
C ASP A 58 10.64 0.19 -15.87
N LEU A 59 10.20 -1.03 -16.17
CA LEU A 59 9.75 -1.99 -15.16
C LEU A 59 10.64 -3.22 -15.20
N PHE A 60 11.33 -3.49 -14.10
CA PHE A 60 12.25 -4.61 -13.99
C PHE A 60 11.73 -5.61 -12.96
N PRO A 61 11.61 -6.90 -13.29
CA PRO A 61 11.05 -7.86 -12.32
C PRO A 61 11.86 -7.91 -11.04
N TYR A 62 11.15 -7.96 -9.91
CA TYR A 62 11.79 -7.82 -8.61
C TYR A 62 12.71 -9.00 -8.31
N ASP A 63 12.25 -10.22 -8.59
CA ASP A 63 13.06 -11.39 -8.23
C ASP A 63 14.33 -11.46 -9.07
N LYS A 64 14.24 -11.10 -10.36
CA LYS A 64 15.40 -11.16 -11.22
C LYS A 64 16.44 -10.10 -10.89
N CYS A 65 16.02 -8.93 -10.42
CA CYS A 65 16.90 -7.77 -10.32
CA CYS A 65 16.90 -7.77 -10.32
C CYS A 65 17.16 -7.33 -8.89
N LYS A 66 16.70 -8.08 -7.88
CA LYS A 66 16.87 -7.61 -6.51
C LYS A 66 18.33 -7.61 -6.07
N ASP A 67 19.12 -8.57 -6.56
N ASP A 67 19.14 -8.56 -6.56
CA ASP A 67 20.55 -8.57 -6.24
CA ASP A 67 20.55 -8.55 -6.20
C ASP A 67 21.22 -7.30 -6.74
C ASP A 67 21.26 -7.33 -6.77
N LYS A 68 20.77 -6.79 -7.88
CA LYS A 68 21.38 -5.61 -8.48
C LYS A 68 20.85 -4.33 -7.85
N TYR A 69 19.53 -4.23 -7.68
CA TYR A 69 18.88 -2.97 -7.32
C TYR A 69 18.40 -2.90 -5.89
N GLY A 70 18.44 -3.99 -5.13
CA GLY A 70 17.82 -4.02 -3.82
C GLY A 70 18.75 -3.76 -2.65
N LYS A 71 19.71 -2.86 -2.83
CA LYS A 71 20.62 -2.49 -1.75
C LYS A 71 20.18 -1.17 -1.13
N PRO A 72 20.50 -0.95 0.15
CA PRO A 72 20.11 0.31 0.79
C PRO A 72 20.62 1.53 0.02
N ASN A 73 19.81 2.59 0.06
CA ASN A 73 20.09 3.82 -0.68
C ASN A 73 19.69 5.00 0.20
N LYS A 74 20.39 6.12 0.03
CA LYS A 74 20.15 7.27 0.88
C LYS A 74 18.88 8.04 0.53
N ARG A 75 18.28 7.79 -0.63
CA ARG A 75 17.13 8.58 -1.05
C ARG A 75 15.96 8.40 -0.09
N LYS A 76 15.19 9.48 0.07
CA LYS A 76 14.09 9.50 1.02
C LYS A 76 13.06 8.42 0.68
N GLY A 77 12.79 7.54 1.64
CA GLY A 77 11.80 6.51 1.47
C GLY A 77 12.31 5.21 0.87
N PHE A 78 13.55 5.18 0.37
CA PHE A 78 14.01 3.99 -0.36
C PHE A 78 14.11 2.78 0.56
N ASN A 79 14.75 2.95 1.73
CA ASN A 79 14.97 1.81 2.61
C ASN A 79 13.67 1.34 3.24
N GLU A 80 12.76 2.26 3.55
CA GLU A 80 11.41 1.85 3.92
C GLU A 80 10.78 1.04 2.80
N GLY A 81 10.94 1.49 1.55
CA GLY A 81 10.40 0.73 0.42
C GLY A 81 11.00 -0.64 0.28
N LEU A 82 12.29 -0.79 0.59
CA LEU A 82 12.89 -2.11 0.55
C LEU A 82 12.22 -3.05 1.54
N TRP A 83 11.89 -2.54 2.73
CA TRP A 83 11.22 -3.38 3.72
C TRP A 83 9.83 -3.77 3.24
N GLU A 84 9.11 -2.83 2.64
CA GLU A 84 7.74 -3.10 2.23
C GLU A 84 7.69 -4.17 1.15
N ILE A 85 8.55 -4.04 0.14
CA ILE A 85 8.47 -4.97 -0.98
C ILE A 85 8.86 -6.38 -0.54
N GLN A 86 9.71 -6.50 0.48
CA GLN A 86 10.14 -7.80 0.94
C GLN A 86 9.18 -8.39 1.96
N ASN A 87 8.53 -7.56 2.78
CA ASN A 87 7.79 -8.04 3.93
C ASN A 87 6.28 -7.86 3.87
N ASN A 88 5.77 -6.88 3.12
CA ASN A 88 4.31 -6.81 2.93
C ASN A 88 3.98 -6.11 1.63
N PRO A 89 4.34 -6.69 0.48
CA PRO A 89 4.23 -5.94 -0.77
C PRO A 89 2.81 -5.74 -1.26
N HIS A 90 1.83 -6.49 -0.75
CA HIS A 90 0.47 -6.42 -1.26
C HIS A 90 -0.47 -5.72 -0.30
N ALA A 91 0.05 -5.08 0.74
CA ALA A 91 -0.79 -4.45 1.73
C ALA A 91 -1.29 -3.10 1.23
N SER A 92 -2.31 -2.59 1.91
CA SER A 92 -2.82 -1.25 1.64
C SER A 92 -1.99 -0.23 2.42
N TYR A 93 -1.34 0.68 1.70
CA TYR A 93 -0.46 1.66 2.31
C TYR A 93 -1.08 3.06 2.35
N SER A 94 -2.38 3.17 2.13
CA SER A 94 -3.06 4.44 2.18
C SER A 94 -3.02 5.04 3.58
N MET B 2 -44.90 2.49 -0.20
CA MET B 2 -45.35 3.88 -0.32
C MET B 2 -44.49 4.64 -1.33
N PRO B 3 -45.13 5.24 -2.33
CA PRO B 3 -44.36 5.94 -3.36
C PRO B 3 -43.63 7.15 -2.80
N HIS B 4 -42.40 7.33 -3.26
CA HIS B 4 -41.56 8.46 -2.87
C HIS B 4 -41.23 9.29 -4.10
N ALA B 5 -40.45 10.35 -3.89
CA ALA B 5 -40.02 11.17 -5.01
C ALA B 5 -39.28 10.35 -6.06
N PHE B 6 -38.38 9.48 -5.62
CA PHE B 6 -37.68 8.55 -6.48
C PHE B 6 -38.28 7.17 -6.34
N LYS B 7 -38.58 6.54 -7.47
CA LYS B 7 -39.12 5.19 -7.42
C LYS B 7 -38.11 4.20 -7.99
N PRO B 8 -38.16 2.94 -7.55
CA PRO B 8 -37.24 1.92 -8.10
C PRO B 8 -37.29 1.90 -9.61
N GLY B 9 -36.11 1.97 -10.23
CA GLY B 9 -35.98 2.03 -11.67
C GLY B 9 -35.71 3.42 -12.21
N ASP B 10 -35.92 4.47 -11.40
CA ASP B 10 -35.57 5.81 -11.83
C ASP B 10 -34.09 5.89 -12.15
N LEU B 11 -33.77 6.55 -13.25
CA LEU B 11 -32.39 6.73 -13.69
C LEU B 11 -31.89 8.10 -13.24
N VAL B 12 -30.68 8.14 -12.70
CA VAL B 12 -30.12 9.34 -12.08
C VAL B 12 -28.63 9.40 -12.36
N PHE B 13 -28.05 10.57 -12.10
CA PHE B 13 -26.64 10.66 -11.77
C PHE B 13 -26.55 10.83 -10.26
N ALA B 14 -25.64 10.07 -9.64
CA ALA B 14 -25.46 10.06 -8.20
C ALA B 14 -24.08 10.60 -7.86
N LYS B 15 -24.02 11.52 -6.91
CA LYS B 15 -22.78 12.20 -6.56
C LYS B 15 -22.21 11.63 -5.28
N MET B 16 -20.94 11.22 -5.33
CA MET B 16 -20.18 10.82 -4.16
C MET B 16 -18.96 11.72 -4.09
N LYS B 17 -18.60 12.15 -2.88
CA LYS B 17 -17.44 13.02 -2.73
C LYS B 17 -16.20 12.35 -3.32
N GLY B 18 -15.45 13.11 -4.11
CA GLY B 18 -14.29 12.58 -4.78
C GLY B 18 -14.56 11.87 -6.10
N TYR B 19 -15.81 11.83 -6.56
CA TYR B 19 -16.17 11.18 -7.81
C TYR B 19 -17.09 12.09 -8.60
N PRO B 20 -17.01 12.04 -9.93
CA PRO B 20 -17.96 12.79 -10.74
C PRO B 20 -19.36 12.23 -10.55
N HIS B 21 -20.36 13.06 -10.88
CA HIS B 21 -21.73 12.58 -10.94
C HIS B 21 -21.79 11.33 -11.79
N TRP B 22 -22.35 10.26 -11.23
CA TRP B 22 -22.15 8.93 -11.78
C TRP B 22 -23.46 8.33 -12.26
N PRO B 23 -23.53 7.79 -13.48
CA PRO B 23 -24.77 7.16 -13.94
C PRO B 23 -25.18 6.05 -12.99
N ALA B 24 -26.45 6.05 -12.60
CA ALA B 24 -26.90 5.15 -11.55
C ALA B 24 -28.41 4.98 -11.68
N ARG B 25 -28.93 4.06 -10.88
CA ARG B 25 -30.37 3.83 -10.83
C ARG B 25 -30.80 3.67 -9.38
N ILE B 26 -32.06 4.00 -9.13
CA ILE B 26 -32.69 3.70 -7.86
C ILE B 26 -33.01 2.21 -7.85
N ASP B 27 -32.48 1.49 -6.86
CA ASP B 27 -32.67 0.05 -6.79
C ASP B 27 -33.92 -0.28 -5.98
N ASP B 28 -34.26 -1.57 -5.94
CA ASP B 28 -35.34 -2.06 -5.12
C ASP B 28 -34.83 -2.49 -3.76
N ILE B 29 -35.71 -2.42 -2.76
CA ILE B 29 -35.44 -2.95 -1.44
C ILE B 29 -35.98 -4.38 -1.43
N ALA B 30 -35.10 -5.34 -1.70
CA ALA B 30 -35.51 -6.74 -1.76
C ALA B 30 -36.11 -7.16 -0.42
N ASP B 31 -37.28 -7.79 -0.48
CA ASP B 31 -38.03 -8.18 0.72
C ASP B 31 -37.18 -9.04 1.64
N GLY B 32 -36.72 -8.46 2.74
CA GLY B 32 -35.86 -9.16 3.68
C GLY B 32 -34.40 -8.80 3.53
N ALA B 33 -34.11 -7.50 3.45
CA ALA B 33 -32.74 -7.01 3.26
C ALA B 33 -32.55 -5.75 4.09
N VAL B 34 -31.29 -5.32 4.16
CA VAL B 34 -30.92 -4.12 4.91
C VAL B 34 -31.58 -2.90 4.30
N LYS B 35 -32.58 -2.35 4.99
CA LYS B 35 -33.27 -1.18 4.48
C LYS B 35 -32.36 0.05 4.56
N PRO B 36 -32.56 1.03 3.68
CA PRO B 36 -31.70 2.22 3.71
C PRO B 36 -31.92 3.02 4.97
N PRO B 37 -30.95 3.83 5.38
CA PRO B 37 -31.16 4.77 6.48
C PRO B 37 -32.26 5.75 6.13
N PRO B 38 -32.79 6.48 7.11
CA PRO B 38 -33.86 7.45 6.80
C PRO B 38 -33.42 8.44 5.73
N ASN B 39 -34.38 8.86 4.91
CA ASN B 39 -34.24 9.84 3.83
C ASN B 39 -33.40 9.34 2.66
N LYS B 40 -32.89 8.11 2.68
CA LYS B 40 -31.94 7.66 1.68
C LYS B 40 -32.52 6.52 0.85
N TYR B 41 -31.93 6.34 -0.33
CA TYR B 41 -32.35 5.37 -1.33
C TYR B 41 -31.22 4.39 -1.62
N PRO B 42 -31.55 3.15 -2.00
CA PRO B 42 -30.51 2.23 -2.48
C PRO B 42 -30.12 2.60 -3.91
N ILE B 43 -28.84 2.87 -4.11
CA ILE B 43 -28.31 3.30 -5.41
C ILE B 43 -27.49 2.15 -5.99
N PHE B 44 -27.64 1.92 -7.29
CA PHE B 44 -26.78 1.00 -8.03
C PHE B 44 -26.03 1.84 -9.06
N PHE B 45 -24.70 1.85 -8.95
CA PHE B 45 -23.86 2.60 -9.87
C PHE B 45 -23.57 1.74 -11.09
N PHE B 46 -23.96 2.24 -12.26
CA PHE B 46 -23.64 1.51 -13.49
C PHE B 46 -22.13 1.48 -13.71
N GLY B 47 -21.69 0.49 -14.47
CA GLY B 47 -20.28 0.35 -14.78
C GLY B 47 -19.49 -0.36 -13.69
N THR B 48 -19.40 0.26 -12.52
CA THR B 48 -18.75 -0.39 -11.39
C THR B 48 -19.65 -1.44 -10.76
N HIS B 49 -20.98 -1.27 -10.87
CA HIS B 49 -21.97 -2.14 -10.25
C HIS B 49 -21.88 -2.13 -8.74
N GLU B 50 -21.26 -1.12 -8.17
CA GLU B 50 -21.26 -0.96 -6.73
C GLU B 50 -22.58 -0.35 -6.28
N THR B 51 -22.83 -0.40 -4.97
CA THR B 51 -24.06 0.11 -4.41
C THR B 51 -23.73 1.02 -3.23
N ALA B 52 -24.66 1.92 -2.94
CA ALA B 52 -24.54 2.80 -1.78
C ALA B 52 -25.93 3.31 -1.43
N PHE B 53 -26.04 3.93 -0.26
CA PHE B 53 -27.24 4.63 0.14
C PHE B 53 -27.00 6.12 0.03
N LEU B 54 -27.86 6.81 -0.72
CA LEU B 54 -27.71 8.24 -0.96
C LEU B 54 -29.05 8.94 -0.76
N GLY B 55 -28.98 10.20 -0.35
CA GLY B 55 -30.15 11.03 -0.19
C GLY B 55 -30.39 11.90 -1.41
N PRO B 56 -31.56 12.54 -1.47
CA PRO B 56 -31.93 13.28 -2.68
C PRO B 56 -30.95 14.38 -3.06
N LYS B 57 -30.23 14.98 -2.12
CA LYS B 57 -29.35 16.09 -2.48
C LYS B 57 -28.23 15.64 -3.41
N ASP B 58 -27.93 14.34 -3.45
CA ASP B 58 -26.90 13.78 -4.31
C ASP B 58 -27.47 13.02 -5.50
N LEU B 59 -28.77 13.13 -5.74
CA LEU B 59 -29.44 12.38 -6.80
C LEU B 59 -30.02 13.36 -7.81
N PHE B 60 -29.60 13.21 -9.07
CA PHE B 60 -29.94 14.12 -10.14
C PHE B 60 -30.67 13.36 -11.24
N PRO B 61 -31.94 13.69 -11.55
CA PRO B 61 -32.66 12.93 -12.57
C PRO B 61 -31.92 12.88 -13.90
N TYR B 62 -31.82 11.67 -14.47
CA TYR B 62 -30.93 11.44 -15.60
C TYR B 62 -31.33 12.27 -16.81
N ASP B 63 -32.62 12.25 -17.18
CA ASP B 63 -33.04 12.96 -18.39
C ASP B 63 -32.75 14.45 -18.30
N LYS B 64 -32.94 15.04 -17.12
CA LYS B 64 -32.73 16.47 -16.97
C LYS B 64 -31.26 16.85 -17.13
N CYS B 65 -30.36 16.03 -16.59
CA CYS B 65 -28.96 16.44 -16.45
C CYS B 65 -27.99 15.62 -17.29
N LYS B 66 -28.48 14.74 -18.17
CA LYS B 66 -27.57 13.89 -18.94
C LYS B 66 -26.63 14.71 -19.82
N ASP B 67 -27.12 15.82 -20.37
CA ASP B 67 -26.26 16.65 -21.21
C ASP B 67 -25.12 17.26 -20.42
N LYS B 68 -25.31 17.45 -19.11
CA LYS B 68 -24.30 18.07 -18.26
C LYS B 68 -23.33 17.05 -17.69
N TYR B 69 -23.84 15.95 -17.13
CA TYR B 69 -23.02 14.97 -16.42
C TYR B 69 -22.68 13.74 -17.25
N GLY B 70 -23.34 13.53 -18.38
CA GLY B 70 -23.16 12.30 -19.12
C GLY B 70 -22.07 12.34 -20.16
N LYS B 71 -20.90 12.85 -19.79
CA LYS B 71 -19.79 12.90 -20.71
C LYS B 71 -18.67 11.98 -20.25
N PRO B 72 -17.96 11.33 -21.17
CA PRO B 72 -16.92 10.38 -20.77
C PRO B 72 -15.80 11.06 -19.99
N ASN B 73 -15.16 10.27 -19.13
CA ASN B 73 -14.01 10.75 -18.36
C ASN B 73 -13.04 9.59 -18.17
N LYS B 74 -12.05 9.79 -17.32
CA LYS B 74 -10.96 8.83 -17.12
C LYS B 74 -11.17 7.94 -15.91
N ARG B 75 -12.35 7.96 -15.29
CA ARG B 75 -12.59 7.15 -14.10
C ARG B 75 -12.96 5.73 -14.49
N LYS B 76 -12.36 4.75 -13.82
CA LYS B 76 -12.61 3.36 -14.14
C LYS B 76 -14.07 2.99 -13.91
N GLY B 77 -14.72 2.50 -14.96
CA GLY B 77 -16.11 2.08 -14.89
C GLY B 77 -17.09 3.11 -15.39
N PHE B 78 -16.66 4.35 -15.63
CA PHE B 78 -17.60 5.41 -15.96
C PHE B 78 -18.16 5.25 -17.37
N ASN B 79 -17.30 5.05 -18.36
CA ASN B 79 -17.79 4.94 -19.74
C ASN B 79 -18.63 3.69 -19.93
N GLU B 80 -18.27 2.59 -19.26
CA GLU B 80 -19.14 1.42 -19.27
C GLU B 80 -20.48 1.75 -18.63
N GLY B 81 -20.46 2.54 -17.56
CA GLY B 81 -21.72 2.93 -16.92
C GLY B 81 -22.57 3.79 -17.83
N LEU B 82 -21.94 4.68 -18.60
CA LEU B 82 -22.69 5.46 -19.58
C LEU B 82 -23.34 4.55 -20.62
N TRP B 83 -22.65 3.49 -21.02
CA TRP B 83 -23.25 2.52 -21.93
C TRP B 83 -24.44 1.84 -21.28
N GLU B 84 -24.29 1.42 -20.03
CA GLU B 84 -25.35 0.65 -19.38
C GLU B 84 -26.61 1.47 -19.18
N ILE B 85 -26.47 2.71 -18.70
CA ILE B 85 -27.66 3.51 -18.43
C ILE B 85 -28.40 3.83 -19.72
N GLN B 86 -27.71 3.85 -20.86
CA GLN B 86 -28.35 4.16 -22.13
C GLN B 86 -28.97 2.92 -22.77
N ASN B 87 -28.27 1.78 -22.73
CA ASN B 87 -28.65 0.62 -23.53
C ASN B 87 -29.41 -0.46 -22.76
N ASN B 88 -29.21 -0.57 -21.45
CA ASN B 88 -29.93 -1.58 -20.67
C ASN B 88 -29.92 -1.21 -19.19
N PRO B 89 -30.58 -0.11 -18.82
CA PRO B 89 -30.48 0.38 -17.44
C PRO B 89 -31.15 -0.52 -16.43
N HIS B 90 -32.09 -1.39 -16.84
CA HIS B 90 -32.87 -2.17 -15.89
C HIS B 90 -32.46 -3.63 -15.84
N ALA B 91 -31.33 -3.99 -16.45
CA ALA B 91 -30.88 -5.36 -16.49
C ALA B 91 -30.34 -5.80 -15.13
N SER B 92 -30.21 -7.12 -14.98
CA SER B 92 -29.50 -7.70 -13.85
C SER B 92 -28.01 -7.70 -14.16
N TYR B 93 -27.22 -7.08 -13.28
CA TYR B 93 -25.79 -6.98 -13.46
C TYR B 93 -25.00 -7.77 -12.43
N SER B 94 -25.67 -8.40 -11.48
CA SER B 94 -25.02 -9.26 -10.51
C SER B 94 -24.66 -10.61 -11.13
N HIS C 4 16.49 -16.45 27.77
CA HIS C 4 17.80 -17.08 27.93
C HIS C 4 18.92 -16.07 27.64
N ALA C 5 20.09 -16.31 28.23
CA ALA C 5 21.23 -15.44 28.00
C ALA C 5 21.68 -15.52 26.55
N PHE C 6 22.12 -14.38 26.02
CA PHE C 6 22.50 -14.28 24.62
C PHE C 6 23.99 -14.56 24.45
N LYS C 7 24.40 -14.76 23.21
CA LYS C 7 25.78 -15.01 22.82
C LYS C 7 26.14 -14.12 21.65
N PRO C 8 27.43 -13.84 21.45
CA PRO C 8 27.83 -12.99 20.32
C PRO C 8 27.28 -13.52 19.00
N GLY C 9 26.75 -12.58 18.19
CA GLY C 9 26.15 -12.91 16.92
C GLY C 9 24.63 -13.02 16.94
N ASP C 10 24.04 -13.20 18.11
CA ASP C 10 22.58 -13.31 18.20
C ASP C 10 21.92 -12.03 17.73
N LEU C 11 20.85 -12.17 16.97
CA LEU C 11 20.12 -11.04 16.42
C LEU C 11 18.97 -10.66 17.36
N VAL C 12 18.84 -9.36 17.66
CA VAL C 12 17.90 -8.88 18.66
C VAL C 12 17.29 -7.56 18.22
N PHE C 13 16.23 -7.18 18.92
CA PHE C 13 15.81 -5.78 19.00
C PHE C 13 16.26 -5.25 20.36
N ALA C 14 16.91 -4.09 20.36
CA ALA C 14 17.49 -3.51 21.56
C ALA C 14 16.75 -2.22 21.88
N LYS C 15 16.36 -2.06 23.14
CA LYS C 15 15.56 -0.92 23.58
C LYS C 15 16.42 -0.01 24.45
N MET C 16 16.68 1.19 23.95
CA MET C 16 17.31 2.26 24.70
C MET C 16 16.26 3.32 25.03
N LYS C 17 16.41 3.96 26.19
CA LYS C 17 15.51 5.04 26.55
C LYS C 17 15.60 6.15 25.52
N GLY C 18 14.43 6.55 25.00
CA GLY C 18 14.36 7.57 23.96
C GLY C 18 14.43 7.06 22.54
N TYR C 19 14.38 5.75 22.33
CA TYR C 19 14.53 5.16 21.01
C TYR C 19 13.57 4.00 20.85
N PRO C 20 13.07 3.78 19.64
CA PRO C 20 12.24 2.59 19.40
C PRO C 20 13.08 1.33 19.51
N HIS C 21 12.40 0.19 19.68
CA HIS C 21 13.08 -1.09 19.67
C HIS C 21 13.85 -1.24 18.36
N TRP C 22 15.17 -1.38 18.48
CA TRP C 22 16.07 -1.18 17.35
C TRP C 22 16.74 -2.49 16.92
N PRO C 23 16.77 -2.78 15.62
CA PRO C 23 17.44 -4.00 15.15
C PRO C 23 18.92 -3.96 15.49
N ALA C 24 19.40 -5.03 16.11
CA ALA C 24 20.77 -5.03 16.63
C ALA C 24 21.26 -6.47 16.73
N ARG C 25 22.53 -6.61 17.06
CA ARG C 25 23.12 -7.92 17.32
C ARG C 25 23.99 -7.83 18.55
N ILE C 26 24.18 -8.98 19.20
CA ILE C 26 25.09 -9.09 20.33
C ILE C 26 26.51 -9.10 19.81
N ASP C 27 27.36 -8.24 20.36
CA ASP C 27 28.78 -8.26 20.04
C ASP C 27 29.53 -9.11 21.07
N ASP C 28 30.81 -9.36 20.78
CA ASP C 28 31.70 -10.03 21.71
C ASP C 28 32.65 -9.02 22.31
N ILE C 29 33.09 -9.29 23.54
CA ILE C 29 34.05 -8.43 24.23
C ILE C 29 35.45 -8.87 23.82
N ALA C 30 36.21 -7.97 23.22
CA ALA C 30 37.60 -8.25 22.90
C ALA C 30 38.40 -8.38 24.20
N ASP C 31 39.14 -9.48 24.33
CA ASP C 31 39.94 -9.69 25.53
C ASP C 31 40.96 -8.56 25.69
N GLY C 32 40.89 -7.87 26.82
CA GLY C 32 41.71 -6.71 27.07
C GLY C 32 40.98 -5.39 26.94
N ALA C 33 39.80 -5.38 26.32
CA ALA C 33 39.01 -4.17 26.22
C ALA C 33 38.28 -3.90 27.54
N VAL C 34 37.67 -2.72 27.62
CA VAL C 34 36.94 -2.34 28.84
C VAL C 34 35.75 -3.26 29.01
N LYS C 35 35.59 -3.79 30.22
CA LYS C 35 34.49 -4.71 30.49
C LYS C 35 33.17 -3.94 30.56
N PRO C 36 32.08 -4.56 30.15
CA PRO C 36 30.77 -3.93 30.31
C PRO C 36 30.42 -3.81 31.77
N PRO C 37 29.47 -2.95 32.13
CA PRO C 37 28.92 -2.98 33.49
C PRO C 37 28.38 -4.36 33.81
N PRO C 38 28.28 -4.73 35.08
CA PRO C 38 27.81 -6.07 35.43
C PRO C 38 26.47 -6.40 34.79
N ASN C 39 26.39 -7.59 34.20
CA ASN C 39 25.16 -8.12 33.60
C ASN C 39 24.70 -7.30 32.40
N LYS C 40 25.64 -6.73 31.65
CA LYS C 40 25.32 -5.98 30.44
C LYS C 40 26.00 -6.65 29.25
N TYR C 41 25.33 -6.58 28.06
CA TYR C 41 25.80 -7.11 26.80
C TYR C 41 26.35 -6.00 25.91
N PRO C 42 27.39 -6.26 25.12
CA PRO C 42 27.80 -5.29 24.10
C PRO C 42 26.87 -5.39 22.91
N ILE C 43 26.26 -4.27 22.54
CA ILE C 43 25.25 -4.23 21.48
C ILE C 43 25.82 -3.47 20.29
N PHE C 44 25.53 -3.98 19.10
CA PHE C 44 25.82 -3.29 17.84
C PHE C 44 24.50 -3.02 17.15
N PHE C 45 24.22 -1.73 16.89
CA PHE C 45 22.95 -1.33 16.30
C PHE C 45 23.06 -1.31 14.78
N PHE C 46 22.22 -2.09 14.11
CA PHE C 46 22.17 -2.04 12.66
C PHE C 46 21.70 -0.67 12.18
N GLY C 47 22.11 -0.32 10.96
CA GLY C 47 21.73 0.96 10.38
C GLY C 47 22.66 2.08 10.79
N THR C 48 22.70 2.38 12.10
CA THR C 48 23.60 3.42 12.60
C THR C 48 25.01 2.91 12.83
N HIS C 49 25.18 1.60 13.02
CA HIS C 49 26.49 1.00 13.28
C HIS C 49 27.11 1.53 14.57
N GLU C 50 26.27 1.99 15.50
CA GLU C 50 26.73 2.46 16.80
C GLU C 50 26.72 1.31 17.80
N THR C 51 27.25 1.57 18.99
CA THR C 51 27.38 0.55 20.02
C THR C 51 26.90 1.09 21.36
N ALA C 52 26.55 0.16 22.25
CA ALA C 52 26.18 0.49 23.63
C ALA C 52 26.19 -0.80 24.43
N PHE C 53 26.00 -0.66 25.74
CA PHE C 53 25.83 -1.79 26.65
C PHE C 53 24.39 -1.83 27.14
N LEU C 54 23.78 -3.01 27.13
CA LEU C 54 22.39 -3.16 27.53
C LEU C 54 22.20 -4.43 28.34
N GLY C 55 21.28 -4.38 29.29
CA GLY C 55 20.92 -5.53 30.07
C GLY C 55 19.84 -6.35 29.40
N PRO C 56 19.65 -7.59 29.85
CA PRO C 56 18.68 -8.48 29.17
C PRO C 56 17.26 -7.96 29.19
N LYS C 57 16.89 -7.11 30.15
CA LYS C 57 15.55 -6.55 30.16
C LYS C 57 15.26 -5.73 28.91
N ASP C 58 16.30 -5.26 28.21
CA ASP C 58 16.15 -4.41 27.04
C ASP C 58 16.44 -5.15 25.73
N LEU C 59 16.48 -6.48 25.74
CA LEU C 59 16.86 -7.26 24.58
C LEU C 59 15.76 -8.26 24.24
N PHE C 60 15.43 -8.34 22.95
CA PHE C 60 14.31 -9.16 22.47
C PHE C 60 14.78 -9.96 21.27
N PRO C 61 14.66 -11.29 21.28
CA PRO C 61 15.15 -12.09 20.15
C PRO C 61 14.48 -11.68 18.84
N TYR C 62 15.28 -11.62 17.78
CA TYR C 62 14.81 -11.07 16.51
C TYR C 62 13.70 -11.92 15.91
N ASP C 63 13.94 -13.22 15.73
CA ASP C 63 12.94 -14.07 15.09
C ASP C 63 11.65 -14.14 15.89
N LYS C 64 11.75 -14.09 17.23
CA LYS C 64 10.55 -14.20 18.04
C LYS C 64 9.72 -12.93 18.03
N CYS C 65 10.37 -11.76 17.94
CA CYS C 65 9.70 -10.48 18.11
C CYS C 65 9.64 -9.63 16.85
N LYS C 66 10.14 -10.12 15.71
CA LYS C 66 10.16 -9.30 14.51
C LYS C 66 8.77 -8.91 14.06
N ASP C 67 7.77 -9.77 14.30
CA ASP C 67 6.41 -9.41 13.90
C ASP C 67 5.90 -8.21 14.68
N LYS C 68 6.46 -7.94 15.86
CA LYS C 68 6.05 -6.81 16.68
C LYS C 68 6.92 -5.58 16.48
N TYR C 69 8.25 -5.76 16.45
CA TYR C 69 9.18 -4.63 16.35
C TYR C 69 9.77 -4.45 14.96
N GLY C 70 9.71 -5.46 14.10
CA GLY C 70 10.26 -5.35 12.77
C GLY C 70 9.29 -4.66 11.81
N LYS C 71 9.16 -3.35 11.98
CA LYS C 71 8.33 -2.51 11.13
C LYS C 71 9.06 -1.20 10.91
N PRO C 72 8.84 -0.53 9.77
CA PRO C 72 9.61 0.69 9.49
C PRO C 72 9.39 1.78 10.52
N ASN C 73 10.44 2.55 10.74
CA ASN C 73 10.43 3.68 11.65
C ASN C 73 11.19 4.82 10.97
N LYS C 74 10.75 6.05 11.23
CA LYS C 74 11.34 7.20 10.56
C LYS C 74 12.68 7.62 11.15
N ARG C 75 13.04 7.12 12.33
CA ARG C 75 14.28 7.52 12.98
C ARG C 75 15.47 7.22 12.07
N LYS C 76 16.44 8.14 12.05
CA LYS C 76 17.59 8.04 11.15
C LYS C 76 18.28 6.69 11.29
N GLY C 77 18.54 6.05 10.16
CA GLY C 77 19.24 4.78 10.13
C GLY C 77 18.39 3.57 10.43
N PHE C 78 17.15 3.74 10.88
CA PHE C 78 16.36 2.59 11.32
C PHE C 78 16.07 1.64 10.17
N ASN C 79 15.55 2.17 9.06
CA ASN C 79 15.11 1.29 7.99
C ASN C 79 16.29 0.65 7.26
N GLU C 80 17.43 1.32 7.18
CA GLU C 80 18.64 0.63 6.74
C GLU C 80 19.00 -0.49 7.70
N GLY C 81 18.77 -0.27 9.00
CA GLY C 81 19.01 -1.33 9.97
C GLY C 81 18.11 -2.54 9.77
N LEU C 82 16.84 -2.29 9.44
CA LEU C 82 15.92 -3.39 9.15
C LEU C 82 16.40 -4.20 7.96
N TRP C 83 16.94 -3.52 6.94
CA TRP C 83 17.47 -4.26 5.79
C TRP C 83 18.67 -5.10 6.19
N GLU C 84 19.54 -4.55 7.06
CA GLU C 84 20.75 -5.27 7.44
C GLU C 84 20.43 -6.52 8.25
N ILE C 85 19.50 -6.42 9.20
CA ILE C 85 19.24 -7.56 10.07
C ILE C 85 18.54 -8.69 9.35
N GLN C 86 17.86 -8.40 8.25
CA GLN C 86 17.16 -9.43 7.49
C GLN C 86 18.00 -9.97 6.35
N ASN C 87 18.88 -9.15 5.76
CA ASN C 87 19.60 -9.53 4.56
C ASN C 87 21.10 -9.67 4.75
N ASN C 88 21.71 -8.98 5.71
CA ASN C 88 23.15 -9.06 5.89
C ASN C 88 23.52 -8.89 7.35
N PRO C 89 23.03 -9.75 8.25
CA PRO C 89 23.15 -9.45 9.68
C PRO C 89 24.53 -9.68 10.27
N HIS C 90 25.37 -10.52 9.67
CA HIS C 90 26.67 -10.84 10.23
C HIS C 90 27.82 -10.33 9.39
N ALA C 91 27.64 -9.18 8.74
CA ALA C 91 28.72 -8.52 8.03
C ALA C 91 29.61 -7.80 9.05
N SER C 92 30.50 -6.92 8.56
CA SER C 92 31.39 -6.18 9.44
C SER C 92 31.02 -4.70 9.58
N TYR C 93 30.49 -4.09 8.54
CA TYR C 93 30.01 -2.70 8.59
C TYR C 93 31.07 -1.73 9.15
#